data_8DWB
#
_entry.id   8DWB
#
_cell.length_a   136.217
_cell.length_b   136.217
_cell.length_c   150.155
_cell.angle_alpha   90.000
_cell.angle_beta   90.000
_cell.angle_gamma   90.000
#
_symmetry.space_group_name_H-M   'I 4 2 2'
#
loop_
_entity.id
_entity.type
_entity.pdbx_description
1 polymer Neuraminidase
2 branched alpha-D-mannopyranose-(1-3)-[alpha-D-mannopyranose-(1-6)]beta-D-mannopyranose-(1-4)-2-acetamido-2-deoxy-beta-D-glucopyranose-(1-4)-2-acetamido-2-deoxy-beta-D-glucopyranose
3 branched 2-acetamido-2-deoxy-beta-D-glucopyranose-(1-4)-2-acetamido-2-deoxy-beta-D-glucopyranose
4 non-polymer 'N-acetyl-alpha-neuraminic acid'
5 non-polymer alpha-D-mannopyranose
6 non-polymer 'SULFATE ION'
7 non-polymer 'CALCIUM ION'
8 water water
#
_entity_poly.entity_id   1
_entity_poly.type   'polypeptide(L)'
_entity_poly.pdbx_seq_one_letter_code
;GSPSRAEYRNWSKPQCNITGFAPFSKDNSIRLSAGGDIWVTREPYVSCDPDKCYQFALGQGTTLNNGHSNDTVHDRTPYR
TLLMNELGVPFHLGTKQVCIAWSSSSCHDGKAWLHVCVTGDDENATASFIYNGRLVDSIGSWSKKILRTQESECVCINGT
CTVVMTDGSASGKADTKILFIEEGKIVHTSPLSGSAQHVEECSCYPRYPGVRCVCRDNWKGSNRPIVDINVKDYSIVSSY
VCSGLVGDTPRKNDSSSSSHCLDPNNEEGGHGVKGWAFDDGNDVWMGRTISEKLRSGYETFKVIEGWSKPNSKLQINRQV
IVDRGNRSGYSGIFSVEGKSCINRCFYVELIRGRKQETEVLWTSNSIVVFCGTSGTYGTGSWPDGADINLMPI
;
_entity_poly.pdbx_strand_id   AAA
#
loop_
_chem_comp.id
_chem_comp.type
_chem_comp.name
_chem_comp.formula
BMA D-saccharide, beta linking beta-D-mannopyranose 'C6 H12 O6'
CA non-polymer 'CALCIUM ION' 'Ca 2'
MAN D-saccharide, alpha linking alpha-D-mannopyranose 'C6 H12 O6'
NAG D-saccharide, beta linking 2-acetamido-2-deoxy-beta-D-glucopyranose 'C8 H15 N O6'
SIA D-saccharide, alpha linking 'N-acetyl-alpha-neuraminic acid' 'C11 H19 N O9'
SO4 non-polymer 'SULFATE ION' 'O4 S -2'
#
# COMPACT_ATOMS: atom_id res chain seq x y z
N ALA A 6 5.68 0.34 28.24
CA ALA A 6 5.37 0.66 26.81
C ALA A 6 5.25 2.17 26.63
N GLU A 7 6.01 2.68 25.66
CA GLU A 7 6.11 4.08 25.28
C GLU A 7 5.59 4.24 23.85
N TYR A 8 5.14 5.47 23.54
CA TYR A 8 4.77 5.72 22.15
C TYR A 8 6.02 5.68 21.28
N ARG A 9 5.82 5.18 20.05
CA ARG A 9 6.88 5.32 19.06
C ARG A 9 6.99 6.79 18.60
N ASN A 10 8.25 7.23 18.44
CA ASN A 10 8.52 8.51 17.81
C ASN A 10 9.28 8.41 16.48
N TRP A 11 9.89 7.26 16.20
CA TRP A 11 10.61 7.04 14.95
C TRP A 11 11.72 8.08 14.76
N SER A 12 12.35 8.48 15.87
N SER A 12 12.43 8.47 15.83
CA SER A 12 13.28 9.61 15.78
CA SER A 12 13.28 9.66 15.78
C SER A 12 14.71 9.08 15.65
C SER A 12 14.68 9.40 15.21
N LYS A 13 14.92 8.20 14.67
CA LYS A 13 16.24 7.71 14.30
C LYS A 13 16.41 8.02 12.82
N PRO A 14 17.65 8.15 12.30
CA PRO A 14 17.86 8.37 10.87
C PRO A 14 17.42 7.15 10.07
N GLN A 15 17.08 7.40 8.79
CA GLN A 15 16.85 6.30 7.87
C GLN A 15 18.10 5.46 7.76
N CYS A 16 17.95 4.13 7.77
CA CYS A 16 19.09 3.25 7.47
C CYS A 16 19.68 3.52 6.08
N ASN A 17 20.99 3.23 5.95
CA ASN A 17 21.60 3.17 4.64
C ASN A 17 20.94 2.05 3.83
N ILE A 18 20.75 2.31 2.54
CA ILE A 18 20.10 1.35 1.64
C ILE A 18 21.00 1.12 0.43
N THR A 19 21.35 -0.16 0.17
CA THR A 19 22.07 -0.53 -1.05
C THR A 19 21.16 -1.28 -2.02
N GLY A 20 19.94 -1.56 -1.54
CA GLY A 20 18.97 -2.36 -2.27
C GLY A 20 18.12 -3.08 -1.22
N PHE A 21 17.56 -4.24 -1.62
CA PHE A 21 16.60 -4.95 -0.77
C PHE A 21 16.93 -6.45 -0.74
N ALA A 22 16.63 -7.06 0.43
CA ALA A 22 16.88 -8.48 0.60
C ALA A 22 15.56 -9.18 0.90
N PRO A 23 15.47 -10.49 0.52
CA PRO A 23 14.20 -11.21 0.77
C PRO A 23 13.83 -11.30 2.25
N PHE A 24 12.53 -11.13 2.58
CA PHE A 24 12.10 -11.12 3.96
C PHE A 24 11.02 -12.18 4.24
N SER A 25 9.98 -12.26 3.38
CA SER A 25 8.88 -13.18 3.68
C SER A 25 8.14 -13.52 2.38
N LYS A 26 7.49 -14.69 2.34
CA LYS A 26 6.59 -15.03 1.23
C LYS A 26 5.59 -16.02 1.79
N ASP A 27 4.30 -15.93 1.38
CA ASP A 27 3.32 -16.81 2.01
C ASP A 27 2.83 -17.96 1.14
N ASN A 28 3.04 -17.91 -0.19
CA ASN A 28 2.67 -19.05 -1.03
C ASN A 28 1.18 -19.39 -0.98
N SER A 29 0.33 -18.39 -0.71
CA SER A 29 -1.09 -18.54 -0.39
CA SER A 29 -1.01 -18.76 -0.29
C SER A 29 -1.84 -19.38 -1.41
N ILE A 30 -1.61 -19.05 -2.71
CA ILE A 30 -2.44 -19.60 -3.77
C ILE A 30 -2.06 -21.07 -3.97
N ARG A 31 -0.73 -21.35 -4.01
CA ARG A 31 -0.32 -22.76 -4.03
C ARG A 31 -0.96 -23.55 -2.89
N LEU A 32 -0.99 -23.01 -1.65
CA LEU A 32 -1.57 -23.71 -0.51
C LEU A 32 -3.09 -23.90 -0.67
N SER A 33 -3.77 -22.96 -1.35
CA SER A 33 -5.23 -23.01 -1.36
CA SER A 33 -5.22 -22.93 -1.46
C SER A 33 -5.71 -24.14 -2.25
N ALA A 34 -4.83 -24.74 -3.09
CA ALA A 34 -5.20 -25.92 -3.89
C ALA A 34 -5.22 -27.19 -3.04
N GLY A 35 -4.80 -27.10 -1.78
CA GLY A 35 -4.77 -28.26 -0.90
C GLY A 35 -4.84 -27.82 0.55
N GLY A 36 -5.92 -27.09 0.83
CA GLY A 36 -6.06 -26.49 2.14
C GLY A 36 -7.15 -25.41 2.06
N ASP A 37 -7.72 -25.08 3.23
CA ASP A 37 -8.76 -24.05 3.29
C ASP A 37 -8.11 -22.71 3.62
N ILE A 38 -8.04 -21.86 2.58
CA ILE A 38 -7.30 -20.59 2.69
C ILE A 38 -8.24 -19.49 2.20
N TRP A 39 -8.23 -18.36 2.89
CA TRP A 39 -9.06 -17.21 2.53
C TRP A 39 -8.81 -16.67 1.12
N VAL A 40 -9.88 -16.26 0.43
CA VAL A 40 -9.74 -15.38 -0.73
C VAL A 40 -9.51 -13.94 -0.27
N THR A 41 -8.47 -13.31 -0.84
CA THR A 41 -8.08 -11.97 -0.39
C THR A 41 -7.81 -11.07 -1.60
N ARG A 42 -7.60 -9.76 -1.31
CA ARG A 42 -6.86 -8.81 -2.15
C ARG A 42 -6.50 -7.64 -1.25
N GLU A 43 -5.72 -6.67 -1.80
CA GLU A 43 -5.27 -5.48 -1.06
C GLU A 43 -4.55 -5.85 0.25
N PRO A 44 -3.49 -6.69 0.18
CA PRO A 44 -2.72 -7.05 1.37
C PRO A 44 -1.76 -5.94 1.78
N TYR A 45 -1.24 -6.02 3.01
CA TYR A 45 -0.14 -5.15 3.42
C TYR A 45 0.51 -5.74 4.67
N VAL A 46 1.58 -5.08 5.13
CA VAL A 46 2.33 -5.54 6.29
C VAL A 46 2.48 -4.35 7.24
N SER A 47 2.40 -4.60 8.56
CA SER A 47 2.73 -3.55 9.53
C SER A 47 3.26 -4.25 10.77
N CYS A 48 4.22 -3.63 11.47
CA CYS A 48 4.84 -4.35 12.59
C CYS A 48 4.61 -3.57 13.88
N ASP A 49 4.36 -4.30 14.98
CA ASP A 49 4.44 -3.71 16.32
C ASP A 49 5.91 -3.72 16.71
N PRO A 50 6.32 -3.14 17.85
CA PRO A 50 7.76 -3.03 18.15
C PRO A 50 8.51 -4.36 18.17
N ASP A 51 7.80 -5.50 18.30
CA ASP A 51 8.46 -6.80 18.35
C ASP A 51 8.47 -7.58 17.03
N LYS A 52 7.35 -7.55 16.32
CA LYS A 52 7.15 -8.48 15.22
C LYS A 52 6.12 -7.94 14.22
N CYS A 53 6.23 -8.52 13.02
CA CYS A 53 5.44 -8.06 11.90
C CYS A 53 4.18 -8.90 11.73
N TYR A 54 3.15 -8.26 11.14
CA TYR A 54 1.91 -8.94 10.77
C TYR A 54 1.60 -8.72 9.30
N GLN A 55 1.00 -9.74 8.67
CA GLN A 55 0.39 -9.55 7.36
C GLN A 55 -1.13 -9.35 7.50
N PHE A 56 -1.60 -8.42 6.68
CA PHE A 56 -3.02 -8.10 6.64
C PHE A 56 -3.53 -8.20 5.20
N ALA A 57 -4.85 -8.41 5.06
CA ALA A 57 -5.46 -8.29 3.72
C ALA A 57 -6.98 -8.19 3.86
N LEU A 58 -7.64 -7.76 2.77
CA LEU A 58 -9.09 -7.72 2.82
C LEU A 58 -9.60 -9.07 2.33
N GLY A 59 -10.25 -9.81 3.24
CA GLY A 59 -10.92 -11.07 2.86
C GLY A 59 -12.11 -10.81 1.94
N GLN A 60 -12.53 -11.88 1.27
CA GLN A 60 -13.78 -11.82 0.50
C GLN A 60 -14.87 -12.68 1.15
N GLY A 61 -14.75 -12.97 2.45
CA GLY A 61 -15.82 -13.65 3.18
C GLY A 61 -15.94 -15.12 2.76
N THR A 62 -14.84 -15.68 2.25
CA THR A 62 -14.89 -17.08 1.78
C THR A 62 -13.46 -17.60 1.65
N THR A 63 -13.34 -18.94 1.68
CA THR A 63 -12.11 -19.58 1.23
C THR A 63 -12.13 -19.78 -0.29
N LEU A 64 -10.96 -20.19 -0.82
CA LEU A 64 -10.88 -20.31 -2.28
C LEU A 64 -11.59 -21.56 -2.82
N ASN A 65 -11.37 -22.73 -2.20
CA ASN A 65 -12.05 -23.94 -2.63
C ASN A 65 -13.41 -23.95 -1.91
N ASN A 66 -14.36 -23.26 -2.54
CA ASN A 66 -15.62 -22.90 -1.88
C ASN A 66 -16.47 -22.27 -2.99
N GLY A 67 -17.75 -22.67 -3.14
CA GLY A 67 -18.60 -22.04 -4.17
C GLY A 67 -18.69 -20.52 -4.05
N HIS A 68 -18.54 -19.99 -2.82
CA HIS A 68 -18.59 -18.55 -2.63
C HIS A 68 -17.35 -17.83 -3.16
N SER A 69 -16.34 -18.54 -3.71
CA SER A 69 -15.22 -17.79 -4.30
C SER A 69 -15.56 -17.30 -5.73
N ASN A 70 -16.66 -17.78 -6.32
CA ASN A 70 -17.06 -17.31 -7.64
C ASN A 70 -17.27 -15.79 -7.67
N ASP A 71 -16.66 -15.14 -8.68
CA ASP A 71 -16.90 -13.72 -8.98
C ASP A 71 -16.45 -12.85 -7.81
N THR A 72 -15.31 -13.21 -7.20
CA THR A 72 -14.70 -12.39 -6.16
C THR A 72 -13.81 -11.27 -6.73
N VAL A 73 -13.98 -10.95 -8.02
CA VAL A 73 -13.22 -9.84 -8.62
C VAL A 73 -13.70 -8.51 -8.03
N HIS A 74 -14.94 -8.46 -7.52
CA HIS A 74 -15.48 -7.15 -7.16
C HIS A 74 -14.80 -6.63 -5.89
N ASP A 75 -14.66 -5.30 -5.78
CA ASP A 75 -13.83 -4.74 -4.73
C ASP A 75 -14.63 -4.51 -3.42
N ARG A 76 -15.95 -4.30 -3.47
CA ARG A 76 -16.65 -3.89 -2.24
C ARG A 76 -17.90 -4.74 -2.07
N THR A 77 -17.95 -5.47 -0.95
CA THR A 77 -19.11 -6.26 -0.57
C THR A 77 -19.22 -6.19 0.95
N PRO A 78 -20.38 -6.54 1.52
CA PRO A 78 -20.60 -6.49 2.98
C PRO A 78 -19.90 -7.65 3.70
N TYR A 79 -19.22 -8.52 2.92
CA TYR A 79 -18.62 -9.71 3.51
C TYR A 79 -17.11 -9.51 3.66
N ARG A 80 -16.56 -8.43 3.11
CA ARG A 80 -15.12 -8.23 3.21
C ARG A 80 -14.77 -7.79 4.63
N THR A 81 -13.71 -8.39 5.19
CA THR A 81 -13.23 -8.09 6.54
C THR A 81 -11.72 -7.97 6.45
N LEU A 82 -11.12 -7.24 7.40
CA LEU A 82 -9.67 -7.13 7.45
C LEU A 82 -9.11 -8.33 8.25
N LEU A 83 -8.26 -9.10 7.58
CA LEU A 83 -7.59 -10.25 8.22
C LEU A 83 -6.23 -9.82 8.73
N MET A 84 -5.81 -10.40 9.87
CA MET A 84 -4.53 -10.05 10.47
C MET A 84 -3.91 -11.30 11.08
N ASN A 85 -2.71 -11.68 10.58
CA ASN A 85 -1.93 -12.82 11.09
CA ASN A 85 -1.97 -12.68 11.34
C ASN A 85 -0.49 -12.36 11.30
N GLU A 86 0.29 -13.08 12.14
CA GLU A 86 1.73 -12.81 12.13
C GLU A 86 2.27 -13.04 10.72
N LEU A 87 3.28 -12.24 10.36
CA LEU A 87 3.83 -12.32 9.00
C LEU A 87 4.37 -13.73 8.71
N GLY A 88 3.96 -14.29 7.56
CA GLY A 88 4.41 -15.61 7.13
C GLY A 88 3.41 -16.70 7.50
N VAL A 89 2.43 -16.37 8.35
CA VAL A 89 1.34 -17.34 8.61
C VAL A 89 0.26 -17.08 7.56
N PRO A 90 -0.04 -18.03 6.64
CA PRO A 90 -0.98 -17.74 5.57
C PRO A 90 -2.40 -17.69 6.18
N PHE A 91 -3.32 -17.13 5.41
CA PHE A 91 -4.66 -16.86 5.94
C PHE A 91 -5.48 -18.14 5.97
N HIS A 92 -5.24 -18.94 7.03
CA HIS A 92 -6.00 -20.18 7.27
C HIS A 92 -7.31 -19.87 8.05
N LEU A 93 -8.12 -20.91 8.38
CA LEU A 93 -9.43 -20.64 8.99
C LEU A 93 -9.37 -20.16 10.44
N GLY A 94 -8.21 -20.17 11.08
CA GLY A 94 -8.12 -19.61 12.42
C GLY A 94 -7.70 -18.14 12.41
N THR A 95 -7.63 -17.55 11.19
CA THR A 95 -7.24 -16.14 11.04
C THR A 95 -8.31 -15.22 11.64
N LYS A 96 -7.84 -14.20 12.40
CA LYS A 96 -8.78 -13.24 12.99
C LYS A 96 -9.20 -12.19 11.97
N GLN A 97 -10.52 -11.96 11.89
CA GLN A 97 -11.08 -10.87 11.10
C GLN A 97 -11.25 -9.70 12.07
N VAL A 98 -10.40 -8.69 11.95
CA VAL A 98 -10.34 -7.67 12.99
CA VAL A 98 -10.27 -7.62 12.92
C VAL A 98 -11.42 -6.59 12.85
N CYS A 99 -12.02 -6.43 11.67
CA CYS A 99 -13.09 -5.45 11.49
C CYS A 99 -13.77 -5.72 10.16
N ILE A 100 -14.94 -5.09 9.95
CA ILE A 100 -15.63 -5.16 8.66
C ILE A 100 -15.04 -4.09 7.74
N ALA A 101 -14.50 -4.51 6.58
CA ALA A 101 -13.77 -3.53 5.77
C ALA A 101 -13.73 -3.98 4.32
N TRP A 102 -14.04 -3.03 3.40
CA TRP A 102 -13.61 -3.17 2.00
C TRP A 102 -12.57 -2.12 1.58
N SER A 103 -12.07 -1.35 2.56
CA SER A 103 -10.86 -0.51 2.44
C SER A 103 -10.31 -0.38 3.87
N SER A 104 -8.96 -0.33 4.04
CA SER A 104 -8.46 -0.32 5.42
C SER A 104 -7.08 0.33 5.51
N SER A 105 -6.69 0.63 6.75
CA SER A 105 -5.30 0.95 7.07
C SER A 105 -5.09 0.59 8.55
N SER A 106 -3.90 0.11 8.92
CA SER A 106 -3.64 -0.24 10.32
C SER A 106 -2.25 0.24 10.70
N CYS A 107 -2.04 0.47 12.01
CA CYS A 107 -0.70 0.82 12.45
C CYS A 107 -0.65 0.71 13.98
N HIS A 108 0.56 0.55 14.53
CA HIS A 108 0.74 0.42 15.97
C HIS A 108 1.47 1.67 16.46
N ASP A 109 0.98 2.26 17.57
CA ASP A 109 1.57 3.53 18.01
C ASP A 109 2.68 3.31 19.04
N GLY A 110 3.09 2.06 19.30
CA GLY A 110 4.00 1.78 20.40
C GLY A 110 3.32 1.10 21.59
N LYS A 111 2.03 1.43 21.77
CA LYS A 111 1.20 0.91 22.83
C LYS A 111 0.16 -0.06 22.30
N ALA A 112 -0.54 0.29 21.20
CA ALA A 112 -1.61 -0.59 20.75
C ALA A 112 -1.85 -0.38 19.25
N TRP A 113 -2.69 -1.26 18.68
CA TRP A 113 -3.07 -1.19 17.27
C TRP A 113 -4.25 -0.27 17.06
N LEU A 114 -4.16 0.52 15.98
CA LEU A 114 -5.26 1.26 15.36
C LEU A 114 -5.63 0.57 14.04
N HIS A 115 -6.93 0.35 13.84
CA HIS A 115 -7.45 -0.07 12.54
C HIS A 115 -8.48 0.95 12.07
N VAL A 116 -8.36 1.33 10.79
CA VAL A 116 -9.29 2.22 10.11
C VAL A 116 -9.97 1.35 9.06
N CYS A 117 -11.28 1.16 9.25
CA CYS A 117 -12.00 0.15 8.48
C CYS A 117 -13.24 0.78 7.84
N VAL A 118 -13.33 0.72 6.50
CA VAL A 118 -14.44 1.35 5.79
C VAL A 118 -15.36 0.28 5.20
N THR A 119 -16.68 0.38 5.42
CA THR A 119 -17.60 -0.57 4.81
C THR A 119 -18.93 0.14 4.54
N GLY A 120 -19.90 -0.61 4.03
CA GLY A 120 -21.26 -0.10 3.72
C GLY A 120 -21.42 0.38 2.26
N ASP A 121 -22.51 1.14 2.05
CA ASP A 121 -22.95 1.48 0.70
C ASP A 121 -21.92 2.42 0.04
N ASP A 122 -21.75 2.26 -1.29
CA ASP A 122 -20.81 3.12 -2.01
C ASP A 122 -21.08 4.60 -1.75
N GLU A 123 -22.37 4.98 -1.80
CA GLU A 123 -22.75 6.39 -1.71
C GLU A 123 -22.87 6.87 -0.27
N ASN A 124 -22.57 6.03 0.72
CA ASN A 124 -22.76 6.50 2.11
C ASN A 124 -22.03 5.52 3.04
N ALA A 125 -20.69 5.41 2.88
CA ALA A 125 -19.96 4.42 3.67
C ALA A 125 -19.75 4.92 5.10
N THR A 126 -19.30 4.01 5.96
CA THR A 126 -18.89 4.34 7.33
C THR A 126 -17.44 3.92 7.50
N ALA A 127 -16.62 4.78 8.10
CA ALA A 127 -15.30 4.37 8.58
C ALA A 127 -15.33 4.23 10.10
N SER A 128 -14.95 3.04 10.59
CA SER A 128 -14.78 2.78 12.00
C SER A 128 -13.30 2.91 12.36
N PHE A 129 -13.05 3.43 13.58
CA PHE A 129 -11.70 3.62 14.11
C PHE A 129 -11.60 2.81 15.41
N ILE A 130 -10.85 1.69 15.32
CA ILE A 130 -10.76 0.72 16.41
C ILE A 130 -9.35 0.81 16.97
N TYR A 131 -9.24 1.00 18.30
CA TYR A 131 -7.93 1.14 18.91
C TYR A 131 -7.91 0.29 20.19
N ASN A 132 -6.82 -0.47 20.39
CA ASN A 132 -6.64 -1.35 21.55
C ASN A 132 -7.93 -2.16 21.74
N GLY A 133 -8.44 -2.67 20.63
CA GLY A 133 -9.51 -3.69 20.64
C GLY A 133 -10.91 -3.12 20.89
N ARG A 134 -11.09 -1.79 20.75
CA ARG A 134 -12.43 -1.26 20.97
C ARG A 134 -12.73 -0.15 19.94
N LEU A 135 -14.03 0.00 19.61
CA LEU A 135 -14.41 1.08 18.70
C LEU A 135 -14.33 2.41 19.46
N VAL A 136 -13.57 3.38 18.92
CA VAL A 136 -13.39 4.67 19.58
C VAL A 136 -14.03 5.81 18.78
N ASP A 137 -14.12 5.67 17.46
CA ASP A 137 -14.65 6.76 16.62
C ASP A 137 -15.25 6.20 15.35
N SER A 138 -16.08 7.02 14.69
CA SER A 138 -16.54 6.71 13.34
C SER A 138 -16.87 7.99 12.59
N ILE A 139 -16.79 7.91 11.25
CA ILE A 139 -17.25 9.01 10.40
C ILE A 139 -18.03 8.43 9.24
N GLY A 140 -18.95 9.24 8.72
CA GLY A 140 -19.62 8.93 7.47
C GLY A 140 -18.89 9.60 6.29
N SER A 141 -19.18 9.09 5.10
CA SER A 141 -18.72 9.66 3.84
C SER A 141 -19.04 11.15 3.71
N TRP A 142 -18.02 11.92 3.37
CA TRP A 142 -18.17 13.36 3.20
C TRP A 142 -18.61 13.77 1.80
N SER A 143 -18.32 12.96 0.78
CA SER A 143 -18.66 13.32 -0.61
C SER A 143 -19.52 12.28 -1.30
N LYS A 144 -19.94 11.22 -0.58
CA LYS A 144 -20.93 10.28 -1.08
C LYS A 144 -20.45 9.52 -2.33
N LYS A 145 -19.12 9.25 -2.40
CA LYS A 145 -18.55 8.62 -3.59
C LYS A 145 -17.37 7.76 -3.17
N ILE A 146 -17.70 6.67 -2.45
CA ILE A 146 -16.73 5.63 -2.08
C ILE A 146 -15.59 6.15 -1.19
N LEU A 147 -15.91 6.54 0.05
CA LEU A 147 -14.87 6.86 1.01
C LEU A 147 -13.91 5.67 1.08
N ARG A 148 -12.60 5.96 1.06
CA ARG A 148 -11.62 4.89 0.89
C ARG A 148 -10.26 5.35 1.40
N THR A 149 -9.33 4.39 1.63
CA THR A 149 -8.11 4.76 2.34
C THR A 149 -6.91 4.01 1.77
N GLN A 150 -5.87 3.81 2.60
CA GLN A 150 -4.52 3.58 2.05
C GLN A 150 -4.32 2.18 1.48
N GLU A 151 -4.91 1.17 2.16
CA GLU A 151 -4.61 -0.25 1.90
C GLU A 151 -3.14 -0.56 2.22
N SER A 152 -2.57 0.18 3.20
CA SER A 152 -1.25 -0.09 3.77
C SER A 152 -1.12 0.63 5.09
N GLU A 153 0.04 0.49 5.76
CA GLU A 153 0.07 0.95 7.15
C GLU A 153 -0.01 2.47 7.27
N CYS A 154 -0.72 2.89 8.33
CA CYS A 154 -0.65 4.27 8.78
C CYS A 154 0.62 4.47 9.60
N VAL A 155 0.83 5.71 10.12
CA VAL A 155 2.08 6.01 10.81
C VAL A 155 1.74 6.88 12.03
N CYS A 156 2.36 6.56 13.17
CA CYS A 156 2.07 7.25 14.43
C CYS A 156 3.37 7.84 14.96
N ILE A 157 3.33 9.12 15.40
CA ILE A 157 4.46 9.74 16.11
C ILE A 157 3.94 10.34 17.42
N ASN A 158 4.56 9.93 18.53
CA ASN A 158 4.25 10.45 19.86
C ASN A 158 2.78 10.31 20.17
N GLY A 159 2.17 9.22 19.71
CA GLY A 159 0.77 8.94 20.00
C GLY A 159 -0.25 9.50 19.02
N THR A 160 0.16 10.31 18.02
CA THR A 160 -0.73 10.85 17.01
C THR A 160 -0.52 10.06 15.72
N CYS A 161 -1.56 9.27 15.33
CA CYS A 161 -1.50 8.49 14.11
C CYS A 161 -2.14 9.31 13.00
N THR A 162 -1.59 9.16 11.79
CA THR A 162 -2.17 9.87 10.65
CA THR A 162 -2.05 9.88 10.60
C THR A 162 -2.50 8.88 9.54
N VAL A 163 -3.63 9.16 8.88
CA VAL A 163 -4.10 8.33 7.78
CA VAL A 163 -4.24 8.33 7.85
C VAL A 163 -4.69 9.23 6.69
N VAL A 164 -4.43 8.86 5.42
CA VAL A 164 -4.94 9.59 4.25
C VAL A 164 -6.18 8.85 3.72
N MET A 165 -7.29 9.59 3.50
CA MET A 165 -8.54 9.03 2.94
C MET A 165 -9.04 9.92 1.80
N THR A 166 -9.72 9.30 0.83
CA THR A 166 -10.31 10.02 -0.30
C THR A 166 -11.78 9.67 -0.43
N ASP A 167 -12.58 10.66 -0.87
CA ASP A 167 -13.96 10.39 -1.17
C ASP A 167 -14.29 11.25 -2.39
N GLY A 168 -14.85 10.63 -3.41
CA GLY A 168 -15.00 11.35 -4.68
C GLY A 168 -14.57 10.54 -5.91
N SER A 169 -14.63 11.20 -7.07
CA SER A 169 -14.42 10.52 -8.33
C SER A 169 -13.08 9.80 -8.44
N ALA A 170 -13.08 8.67 -9.15
CA ALA A 170 -11.85 7.93 -9.51
C ALA A 170 -11.24 8.48 -10.80
N SER A 171 -11.89 9.47 -11.44
CA SER A 171 -11.45 9.92 -12.76
C SER A 171 -11.61 11.44 -12.91
N GLY A 172 -11.53 12.14 -11.78
CA GLY A 172 -11.61 13.58 -11.76
C GLY A 172 -11.35 14.09 -10.35
N LYS A 173 -11.50 15.40 -10.12
CA LYS A 173 -11.25 15.98 -8.82
C LYS A 173 -12.03 15.25 -7.74
N ALA A 174 -11.34 14.91 -6.63
CA ALA A 174 -11.95 14.25 -5.48
C ALA A 174 -11.59 15.00 -4.22
N ASP A 175 -12.16 14.56 -3.07
CA ASP A 175 -11.92 15.21 -1.79
C ASP A 175 -11.09 14.33 -0.86
N THR A 176 -9.78 14.64 -0.81
CA THR A 176 -8.87 13.88 0.04
C THR A 176 -8.69 14.61 1.36
N LYS A 177 -8.65 13.85 2.48
CA LYS A 177 -8.41 14.48 3.77
C LYS A 177 -7.42 13.63 4.55
N ILE A 178 -6.66 14.29 5.43
CA ILE A 178 -5.69 13.60 6.27
C ILE A 178 -6.25 13.69 7.70
N LEU A 179 -6.40 12.54 8.36
CA LEU A 179 -6.98 12.49 9.71
C LEU A 179 -5.84 12.28 10.70
N PHE A 180 -5.99 12.92 11.88
CA PHE A 180 -5.04 12.76 12.95
C PHE A 180 -5.77 12.15 14.14
N ILE A 181 -5.27 10.99 14.68
CA ILE A 181 -6.06 10.13 15.54
C ILE A 181 -5.18 9.77 16.74
N GLU A 182 -5.73 10.01 17.95
CA GLU A 182 -5.00 9.75 19.19
C GLU A 182 -5.80 8.76 20.02
N GLU A 183 -5.17 7.58 20.25
CA GLU A 183 -5.82 6.45 20.91
CA GLU A 183 -5.84 6.54 20.99
C GLU A 183 -7.20 6.22 20.32
N GLY A 184 -7.25 6.24 18.97
CA GLY A 184 -8.51 5.92 18.29
C GLY A 184 -9.47 7.09 18.05
N LYS A 185 -9.26 8.26 18.70
CA LYS A 185 -10.18 9.39 18.55
CA LYS A 185 -10.14 9.42 18.59
C LYS A 185 -9.65 10.39 17.51
N ILE A 186 -10.52 10.79 16.59
CA ILE A 186 -10.10 11.75 15.57
C ILE A 186 -10.02 13.11 16.28
N VAL A 187 -8.83 13.71 16.25
CA VAL A 187 -8.59 14.99 16.92
C VAL A 187 -8.47 16.13 15.93
N HIS A 188 -8.13 15.84 14.66
CA HIS A 188 -8.12 16.90 13.66
C HIS A 188 -8.26 16.26 12.29
N THR A 189 -8.86 16.99 11.34
CA THR A 189 -8.90 16.56 9.96
C THR A 189 -8.45 17.74 9.10
N SER A 190 -7.48 17.50 8.22
CA SER A 190 -7.00 18.55 7.31
C SER A 190 -7.30 18.14 5.86
N PRO A 191 -7.75 19.06 4.99
CA PRO A 191 -7.91 18.73 3.58
C PRO A 191 -6.55 18.61 2.92
N LEU A 192 -6.49 17.84 1.83
CA LEU A 192 -5.29 17.81 1.01
C LEU A 192 -5.06 19.24 0.49
N SER A 193 -3.77 19.61 0.49
CA SER A 193 -3.34 20.89 -0.10
C SER A 193 -2.11 20.60 -0.96
N GLY A 194 -1.83 21.49 -1.93
CA GLY A 194 -0.61 21.36 -2.73
C GLY A 194 -0.93 21.05 -4.17
N SER A 195 0.08 20.57 -4.93
CA SER A 195 -0.10 20.41 -6.37
CA SER A 195 -0.03 20.39 -6.37
C SER A 195 -0.47 18.98 -6.78
N ALA A 196 -0.58 18.04 -5.81
CA ALA A 196 -1.14 16.76 -6.22
C ALA A 196 -2.61 16.91 -6.59
N GLN A 197 -2.97 16.43 -7.78
CA GLN A 197 -4.34 16.63 -8.26
C GLN A 197 -5.30 15.47 -8.03
N HIS A 198 -4.77 14.27 -7.70
CA HIS A 198 -5.58 13.09 -7.46
CA HIS A 198 -5.58 13.10 -7.45
C HIS A 198 -4.72 12.18 -6.60
N VAL A 199 -5.30 11.77 -5.45
CA VAL A 199 -4.51 11.04 -4.47
C VAL A 199 -5.34 9.88 -3.91
N GLU A 200 -4.81 8.67 -4.07
CA GLU A 200 -5.46 7.48 -3.55
C GLU A 200 -4.36 6.56 -3.01
N GLU A 201 -4.75 5.69 -2.10
CA GLU A 201 -3.95 4.51 -1.75
C GLU A 201 -2.51 4.86 -1.36
N CYS A 202 -2.39 5.84 -0.45
CA CYS A 202 -1.05 6.34 -0.13
C CYS A 202 -0.23 5.30 0.65
N SER A 203 1.08 5.22 0.29
CA SER A 203 2.06 4.42 1.00
C SER A 203 2.89 5.38 1.83
N CYS A 204 2.67 5.38 3.14
CA CYS A 204 3.25 6.41 3.99
C CYS A 204 4.32 5.82 4.90
N TYR A 205 5.26 6.66 5.31
CA TYR A 205 6.33 6.22 6.19
C TYR A 205 6.73 7.36 7.12
N PRO A 206 7.22 7.06 8.34
CA PRO A 206 7.74 8.09 9.25
C PRO A 206 9.01 8.71 8.66
N ARG A 207 9.05 10.05 8.65
CA ARG A 207 10.26 10.75 8.25
C ARG A 207 10.41 11.89 9.26
N TYR A 208 10.89 11.53 10.45
CA TYR A 208 10.72 12.38 11.62
C TYR A 208 11.25 13.77 11.27
N PRO A 209 10.55 14.88 11.63
CA PRO A 209 9.42 14.88 12.58
C PRO A 209 8.03 14.70 12.00
N GLY A 210 7.93 14.36 10.70
CA GLY A 210 6.63 14.26 10.04
C GLY A 210 6.45 12.89 9.38
N VAL A 211 5.44 12.80 8.50
CA VAL A 211 5.13 11.58 7.76
C VAL A 211 5.14 11.93 6.27
N ARG A 212 5.69 11.03 5.43
CA ARG A 212 5.79 11.28 4.00
C ARG A 212 5.10 10.11 3.29
N CYS A 213 4.28 10.43 2.29
CA CYS A 213 3.51 9.41 1.57
C CYS A 213 3.75 9.54 0.08
N VAL A 214 3.81 8.40 -0.60
CA VAL A 214 3.79 8.35 -2.07
C VAL A 214 2.56 7.55 -2.48
N CYS A 215 1.80 8.08 -3.44
CA CYS A 215 0.40 7.65 -3.62
C CYS A 215 0.15 7.25 -5.08
N ARG A 216 -1.14 7.11 -5.42
CA ARG A 216 -1.64 6.75 -6.75
C ARG A 216 -2.51 7.91 -7.26
N ASP A 217 -2.18 8.45 -8.44
CA ASP A 217 -3.02 9.41 -9.14
C ASP A 217 -3.80 8.63 -10.19
N ASN A 218 -5.13 8.49 -10.04
CA ASN A 218 -5.90 7.63 -10.91
C ASN A 218 -6.49 8.39 -12.12
N TRP A 219 -6.17 9.70 -12.20
CA TRP A 219 -6.87 10.63 -13.10
C TRP A 219 -5.97 11.07 -14.25
N LYS A 220 -4.95 11.91 -13.98
CA LYS A 220 -4.14 12.44 -15.06
C LYS A 220 -2.65 12.12 -14.92
N GLY A 221 -2.22 11.40 -13.86
CA GLY A 221 -0.79 11.21 -13.64
C GLY A 221 -0.39 9.73 -13.74
N SER A 222 0.69 9.46 -14.48
CA SER A 222 1.41 8.17 -14.34
C SER A 222 2.66 8.37 -13.48
N ASN A 223 2.97 9.63 -13.12
CA ASN A 223 3.88 9.93 -12.02
C ASN A 223 3.08 9.83 -10.70
N ARG A 224 3.78 9.47 -9.62
CA ARG A 224 3.09 9.27 -8.35
C ARG A 224 3.10 10.58 -7.55
N PRO A 225 1.95 10.90 -6.93
CA PRO A 225 1.92 11.99 -5.96
C PRO A 225 2.70 11.76 -4.69
N ILE A 226 3.19 12.84 -4.09
CA ILE A 226 3.77 12.82 -2.77
C ILE A 226 2.84 13.65 -1.87
N VAL A 227 2.58 13.17 -0.65
CA VAL A 227 1.90 14.00 0.35
C VAL A 227 2.74 14.00 1.61
N ASP A 228 3.07 15.22 2.10
CA ASP A 228 3.83 15.37 3.33
C ASP A 228 2.90 15.87 4.40
N ILE A 229 3.00 15.24 5.59
CA ILE A 229 2.06 15.54 6.66
C ILE A 229 2.85 16.01 7.89
N ASN A 230 2.51 17.20 8.39
CA ASN A 230 3.10 17.71 9.62
C ASN A 230 2.17 17.38 10.79
N VAL A 231 2.65 16.50 11.72
CA VAL A 231 1.78 15.99 12.78
C VAL A 231 1.69 16.97 13.95
N LYS A 232 2.56 17.98 13.98
CA LYS A 232 2.51 18.96 15.06
C LYS A 232 1.48 20.06 14.78
N ASP A 233 1.41 20.57 13.55
CA ASP A 233 0.50 21.67 13.25
C ASP A 233 -0.58 21.32 12.23
N TYR A 234 -0.57 20.06 11.73
CA TYR A 234 -1.59 19.49 10.87
C TYR A 234 -1.53 20.00 9.44
N SER A 235 -0.43 20.67 9.06
CA SER A 235 -0.35 21.24 7.72
C SER A 235 0.07 20.17 6.71
N ILE A 236 -0.31 20.36 5.46
CA ILE A 236 -0.16 19.36 4.39
C ILE A 236 0.48 20.05 3.18
N VAL A 237 1.43 19.36 2.53
CA VAL A 237 1.95 19.82 1.25
C VAL A 237 1.93 18.62 0.32
N SER A 238 1.86 18.87 -0.98
CA SER A 238 1.88 17.75 -1.92
C SER A 238 2.47 18.18 -3.27
N SER A 239 2.91 17.18 -4.05
CA SER A 239 3.47 17.41 -5.39
C SER A 239 3.62 16.03 -6.02
N TYR A 240 4.60 15.86 -6.93
CA TYR A 240 4.80 14.54 -7.57
C TYR A 240 6.27 14.14 -7.53
N VAL A 241 6.52 12.80 -7.47
CA VAL A 241 7.92 12.35 -7.53
C VAL A 241 8.58 12.90 -8.81
N CYS A 242 9.81 13.44 -8.65
CA CYS A 242 10.51 14.13 -9.73
C CYS A 242 10.96 13.18 -10.84
N SER A 243 11.31 11.93 -10.47
CA SER A 243 11.88 10.94 -11.39
C SER A 243 11.13 10.88 -12.73
N GLY A 244 11.87 10.92 -13.84
CA GLY A 244 11.30 10.72 -15.15
C GLY A 244 11.02 9.26 -15.46
N LEU A 245 11.62 8.38 -14.65
CA LEU A 245 11.18 6.98 -14.65
C LEU A 245 10.01 6.89 -13.68
N VAL A 246 8.79 6.73 -14.21
CA VAL A 246 7.64 6.97 -13.37
C VAL A 246 7.15 5.64 -12.78
N GLY A 247 6.33 5.75 -11.71
CA GLY A 247 6.05 4.59 -10.87
C GLY A 247 4.69 3.93 -11.08
N ASP A 248 3.75 4.54 -11.82
CA ASP A 248 2.39 4.04 -11.96
C ASP A 248 2.30 3.03 -13.10
N THR A 249 1.18 2.32 -13.12
CA THR A 249 0.78 1.49 -14.25
C THR A 249 -0.70 1.75 -14.47
N PRO A 250 -1.13 2.18 -15.68
CA PRO A 250 -0.26 2.28 -16.86
C PRO A 250 0.64 3.50 -16.90
N ARG A 251 1.59 3.48 -17.86
CA ARG A 251 2.53 4.59 -18.05
C ARG A 251 3.05 4.47 -19.49
N LYS A 252 3.70 5.55 -19.97
CA LYS A 252 4.42 5.41 -21.24
C LYS A 252 5.73 4.64 -21.05
N ASN A 253 6.42 4.31 -22.15
CA ASN A 253 7.71 3.64 -22.09
C ASN A 253 8.81 4.57 -21.51
N ASP A 254 10.00 4.04 -21.21
CA ASP A 254 10.98 4.78 -20.43
C ASP A 254 11.55 5.95 -21.23
N SER A 255 11.56 5.85 -22.56
CA SER A 255 12.11 6.96 -23.32
C SER A 255 11.10 8.10 -23.43
N SER A 256 9.79 7.81 -23.43
CA SER A 256 8.76 8.80 -23.64
C SER A 256 8.23 9.37 -22.34
N SER A 257 8.42 8.66 -21.21
CA SER A 257 7.76 9.09 -19.97
CA SER A 257 7.78 9.08 -19.96
C SER A 257 8.46 10.32 -19.43
N SER A 258 7.76 11.07 -18.57
CA SER A 258 8.40 12.19 -17.91
C SER A 258 7.71 12.53 -16.59
N SER A 259 8.42 13.30 -15.76
CA SER A 259 7.80 14.03 -14.64
C SER A 259 8.63 15.30 -14.44
N HIS A 260 7.97 16.40 -14.02
CA HIS A 260 8.73 17.59 -13.63
C HIS A 260 8.38 18.07 -12.22
N CYS A 261 7.87 17.15 -11.37
CA CYS A 261 7.76 17.30 -9.91
C CYS A 261 6.48 18.02 -9.50
N LEU A 262 5.92 18.92 -10.36
CA LEU A 262 4.84 19.78 -9.87
C LEU A 262 3.47 19.23 -10.20
N ASP A 263 3.29 18.77 -11.44
CA ASP A 263 1.95 18.47 -11.94
C ASP A 263 1.84 17.01 -12.38
N PRO A 264 0.60 16.46 -12.52
CA PRO A 264 0.42 15.16 -13.18
C PRO A 264 0.97 15.31 -14.61
N ASN A 265 1.59 14.24 -15.12
CA ASN A 265 2.26 14.28 -16.42
C ASN A 265 1.30 14.19 -17.60
N ASN A 266 0.05 13.79 -17.38
CA ASN A 266 -0.89 13.61 -18.48
CA ASN A 266 -0.91 13.60 -18.46
C ASN A 266 -0.38 12.60 -19.50
N GLU A 267 0.28 11.55 -19.02
CA GLU A 267 0.79 10.48 -19.87
C GLU A 267 0.18 9.16 -19.40
N GLU A 268 -0.77 8.64 -20.17
CA GLU A 268 -1.52 7.43 -19.82
C GLU A 268 -1.95 7.56 -18.36
N GLY A 269 -2.40 8.76 -17.97
CA GLY A 269 -2.57 9.06 -16.53
C GLY A 269 -3.76 8.34 -15.89
N GLY A 270 -4.81 8.05 -16.66
CA GLY A 270 -6.00 7.38 -16.12
C GLY A 270 -5.70 5.97 -15.61
N HIS A 271 -6.44 5.61 -14.53
CA HIS A 271 -6.21 4.34 -13.83
C HIS A 271 -4.85 4.38 -13.15
N GLY A 272 -4.39 3.23 -12.62
CA GLY A 272 -3.20 3.26 -11.78
C GLY A 272 -3.11 1.99 -10.94
N VAL A 273 -2.11 1.95 -10.08
CA VAL A 273 -1.97 0.81 -9.18
C VAL A 273 -1.34 1.36 -7.91
N LYS A 274 -1.68 0.83 -6.72
CA LYS A 274 -1.00 1.26 -5.52
C LYS A 274 0.48 0.90 -5.61
N GLY A 275 1.34 1.83 -5.20
CA GLY A 275 2.78 1.60 -5.17
C GLY A 275 3.45 2.51 -4.13
N TRP A 276 4.76 2.63 -4.25
CA TRP A 276 5.53 3.34 -3.23
C TRP A 276 6.85 3.88 -3.80
N ALA A 277 7.46 4.78 -3.04
CA ALA A 277 8.85 5.23 -3.27
C ALA A 277 9.30 5.91 -1.99
N PHE A 278 10.62 6.09 -1.84
CA PHE A 278 11.03 6.92 -0.70
C PHE A 278 12.36 7.61 -1.06
N ASP A 279 12.59 8.76 -0.43
CA ASP A 279 13.79 9.52 -0.69
C ASP A 279 14.99 8.98 0.09
N ASP A 280 16.16 9.17 -0.52
CA ASP A 280 17.45 8.87 0.09
C ASP A 280 18.40 10.01 -0.32
N GLY A 281 18.40 11.06 0.49
CA GLY A 281 19.06 12.28 0.04
C GLY A 281 18.33 12.85 -1.18
N ASN A 282 19.09 13.18 -2.24
CA ASN A 282 18.46 13.64 -3.48
C ASN A 282 17.97 12.50 -4.39
N ASP A 283 18.29 11.24 -4.02
CA ASP A 283 17.96 10.10 -4.86
C ASP A 283 16.60 9.55 -4.40
N VAL A 284 16.00 8.69 -5.24
CA VAL A 284 14.75 8.02 -4.86
C VAL A 284 14.87 6.52 -5.08
N TRP A 285 14.37 5.74 -4.11
CA TRP A 285 14.25 4.30 -4.29
C TRP A 285 12.78 4.06 -4.62
N MET A 286 12.51 3.23 -5.63
CA MET A 286 11.11 3.06 -6.01
C MET A 286 10.91 1.66 -6.56
N GLY A 287 9.69 1.17 -6.46
CA GLY A 287 9.31 -0.08 -7.11
C GLY A 287 8.28 0.25 -8.19
N ARG A 288 8.12 -0.65 -9.17
CA ARG A 288 7.05 -0.53 -10.16
C ARG A 288 6.84 -1.89 -10.81
N THR A 289 5.69 -2.04 -11.51
CA THR A 289 5.53 -3.26 -12.31
C THR A 289 6.53 -3.18 -13.46
N ILE A 290 6.95 -4.32 -14.00
CA ILE A 290 7.84 -4.30 -15.15
C ILE A 290 7.08 -3.90 -16.43
N SER A 291 5.90 -4.49 -16.64
CA SER A 291 5.02 -4.08 -17.72
C SER A 291 4.60 -2.62 -17.53
N GLU A 292 4.47 -1.89 -18.66
CA GLU A 292 3.96 -0.52 -18.63
C GLU A 292 2.44 -0.45 -18.73
N LYS A 293 1.79 -1.58 -19.07
CA LYS A 293 0.33 -1.63 -19.28
C LYS A 293 -0.40 -2.51 -18.27
N LEU A 294 0.24 -3.61 -17.86
CA LEU A 294 -0.40 -4.62 -17.04
C LEU A 294 0.32 -4.76 -15.69
N ARG A 295 -0.38 -5.36 -14.73
CA ARG A 295 0.20 -5.62 -13.40
C ARG A 295 0.99 -6.92 -13.47
N SER A 296 2.12 -6.85 -14.22
CA SER A 296 2.98 -8.00 -14.46
C SER A 296 4.43 -7.59 -14.24
N GLY A 297 5.16 -8.48 -13.55
CA GLY A 297 6.54 -8.24 -13.16
C GLY A 297 6.63 -7.23 -12.00
N TYR A 298 7.83 -7.13 -11.40
CA TYR A 298 8.01 -6.12 -10.39
C TYR A 298 9.50 -5.88 -10.25
N GLU A 299 9.90 -4.61 -10.30
CA GLU A 299 11.33 -4.26 -10.22
C GLU A 299 11.49 -3.10 -9.26
N THR A 300 12.67 -3.02 -8.61
CA THR A 300 13.02 -1.86 -7.81
C THR A 300 14.34 -1.30 -8.35
N PHE A 301 14.55 0.00 -8.13
CA PHE A 301 15.85 0.59 -8.47
C PHE A 301 15.97 1.94 -7.78
N LYS A 302 17.18 2.50 -7.82
CA LYS A 302 17.42 3.87 -7.34
C LYS A 302 17.50 4.75 -8.58
N VAL A 303 16.88 5.94 -8.53
CA VAL A 303 17.08 6.94 -9.58
C VAL A 303 17.97 8.01 -8.98
N ILE A 304 19.16 8.18 -9.58
CA ILE A 304 20.12 9.15 -9.08
C ILE A 304 19.57 10.56 -9.33
N GLU A 305 19.49 11.34 -8.24
CA GLU A 305 18.84 12.64 -8.23
C GLU A 305 17.35 12.57 -8.56
N GLY A 306 16.74 11.39 -8.44
CA GLY A 306 15.35 11.27 -8.85
C GLY A 306 14.34 11.83 -7.84
N TRP A 307 14.80 12.25 -6.66
CA TRP A 307 13.93 12.97 -5.74
C TRP A 307 13.95 14.47 -5.99
N SER A 308 15.14 14.99 -6.34
CA SER A 308 15.33 16.45 -6.38
C SER A 308 15.34 17.02 -7.80
N LYS A 309 15.77 16.25 -8.80
CA LYS A 309 16.00 16.86 -10.12
C LYS A 309 14.86 16.48 -11.03
N PRO A 310 14.11 17.45 -11.59
CA PRO A 310 12.99 17.14 -12.47
C PRO A 310 13.41 16.26 -13.64
N ASN A 311 12.68 15.13 -13.81
CA ASN A 311 12.76 14.27 -14.98
C ASN A 311 14.05 13.46 -15.04
N SER A 312 14.73 13.28 -13.91
CA SER A 312 15.95 12.48 -13.93
C SER A 312 15.60 11.03 -14.31
N LYS A 313 16.43 10.40 -15.15
CA LYS A 313 16.17 9.01 -15.52
C LYS A 313 17.41 8.12 -15.34
N LEU A 314 18.32 8.54 -14.47
CA LEU A 314 19.58 7.83 -14.38
C LEU A 314 19.44 6.73 -13.31
N GLN A 315 19.13 5.50 -13.74
CA GLN A 315 18.92 4.46 -12.71
C GLN A 315 20.19 3.67 -12.42
N ILE A 316 20.19 3.08 -11.20
CA ILE A 316 21.23 2.14 -10.80
C ILE A 316 20.62 1.15 -9.79
N ASN A 317 21.31 0.03 -9.51
CA ASN A 317 20.93 -0.86 -8.42
C ASN A 317 19.54 -1.48 -8.66
N ARG A 318 19.26 -1.81 -9.92
CA ARG A 318 18.00 -2.48 -10.23
C ARG A 318 18.00 -3.88 -9.62
N GLN A 319 16.81 -4.29 -9.17
CA GLN A 319 16.59 -5.70 -8.78
C GLN A 319 15.24 -6.12 -9.36
N VAL A 320 15.21 -7.32 -9.98
CA VAL A 320 13.94 -7.96 -10.30
C VAL A 320 13.41 -8.65 -9.04
N ILE A 321 12.15 -8.36 -8.69
CA ILE A 321 11.47 -9.04 -7.57
C ILE A 321 10.56 -10.17 -8.11
N VAL A 322 9.85 -9.85 -9.20
CA VAL A 322 8.99 -10.79 -9.91
C VAL A 322 9.31 -10.66 -11.39
N ASP A 323 9.63 -11.79 -12.04
CA ASP A 323 9.99 -11.66 -13.45
C ASP A 323 8.79 -11.18 -14.29
N ARG A 324 9.14 -10.59 -15.46
CA ARG A 324 8.16 -9.99 -16.36
C ARG A 324 7.05 -10.96 -16.78
N GLY A 325 7.34 -12.25 -16.77
CA GLY A 325 6.37 -13.24 -17.18
C GLY A 325 5.31 -13.60 -16.13
N ASN A 326 5.40 -13.03 -14.93
CA ASN A 326 4.54 -13.45 -13.84
C ASN A 326 3.76 -12.26 -13.30
N ARG A 327 2.61 -12.55 -12.68
CA ARG A 327 1.72 -11.48 -12.21
C ARG A 327 2.19 -10.82 -10.90
N SER A 328 2.01 -9.48 -10.86
CA SER A 328 2.15 -8.71 -9.62
C SER A 328 0.81 -8.11 -9.24
N GLY A 329 0.78 -6.82 -8.86
CA GLY A 329 -0.41 -6.27 -8.20
C GLY A 329 -0.01 -5.04 -7.43
N TYR A 330 -0.75 -4.74 -6.35
CA TYR A 330 -0.42 -3.63 -5.45
C TYR A 330 0.96 -3.81 -4.82
N SER A 331 1.56 -2.72 -4.36
CA SER A 331 2.75 -2.83 -3.51
C SER A 331 2.73 -1.63 -2.58
N GLY A 332 3.38 -1.75 -1.43
CA GLY A 332 3.29 -0.71 -0.42
C GLY A 332 4.55 -0.76 0.45
N ILE A 333 4.78 0.33 1.18
CA ILE A 333 5.92 0.44 2.07
C ILE A 333 5.49 0.16 3.52
N PHE A 334 6.41 -0.38 4.31
CA PHE A 334 6.27 -0.34 5.77
C PHE A 334 7.65 -0.06 6.35
N SER A 335 7.70 0.42 7.59
CA SER A 335 8.96 0.82 8.21
C SER A 335 9.17 0.06 9.51
N VAL A 336 10.46 -0.27 9.79
CA VAL A 336 10.79 -1.15 10.93
C VAL A 336 11.93 -0.50 11.68
N GLU A 337 11.77 -0.34 13.02
CA GLU A 337 12.81 0.30 13.82
C GLU A 337 13.88 -0.69 14.22
N GLY A 338 15.12 -0.33 13.87
CA GLY A 338 16.34 -1.07 14.24
C GLY A 338 17.00 -0.41 15.44
N LYS A 339 18.15 -0.95 15.86
CA LYS A 339 18.87 -0.41 17.01
C LYS A 339 19.21 1.06 16.80
N SER A 340 19.65 1.43 15.58
CA SER A 340 20.18 2.77 15.34
C SER A 340 19.50 3.53 14.21
N CYS A 341 18.69 2.83 13.40
CA CYS A 341 18.13 3.50 12.23
C CYS A 341 16.76 2.88 11.95
N ILE A 342 15.95 3.60 11.12
CA ILE A 342 14.64 3.13 10.67
C ILE A 342 14.79 2.57 9.27
N ASN A 343 14.39 1.28 9.09
CA ASN A 343 14.54 0.62 7.81
C ASN A 343 13.24 0.73 7.03
N ARG A 344 13.38 0.70 5.71
CA ARG A 344 12.22 0.67 4.83
C ARG A 344 12.11 -0.71 4.17
N CYS A 345 10.88 -1.24 4.12
CA CYS A 345 10.58 -2.56 3.54
C CYS A 345 9.38 -2.38 2.63
N PHE A 346 9.12 -3.36 1.76
CA PHE A 346 7.92 -3.28 0.93
C PHE A 346 7.34 -4.68 0.69
N TYR A 347 6.04 -4.71 0.39
CA TYR A 347 5.43 -5.99 0.00
C TYR A 347 4.90 -5.81 -1.44
N VAL A 348 4.69 -6.94 -2.13
CA VAL A 348 4.05 -6.99 -3.45
C VAL A 348 2.92 -8.02 -3.38
N GLU A 349 1.72 -7.56 -3.77
CA GLU A 349 0.56 -8.41 -3.94
C GLU A 349 0.73 -9.13 -5.28
N LEU A 350 0.51 -10.45 -5.27
CA LEU A 350 0.66 -11.27 -6.47
C LEU A 350 -0.76 -11.78 -6.77
N ILE A 351 -1.44 -11.10 -7.71
CA ILE A 351 -2.87 -11.38 -7.97
C ILE A 351 -3.00 -12.57 -8.93
N ARG A 352 -3.94 -13.50 -8.61
CA ARG A 352 -4.18 -14.61 -9.51
C ARG A 352 -5.68 -14.68 -9.76
N GLY A 353 -6.06 -15.25 -10.91
CA GLY A 353 -7.48 -15.49 -11.25
C GLY A 353 -8.10 -14.40 -12.13
N ARG A 354 -9.41 -14.25 -12.05
CA ARG A 354 -10.12 -13.38 -12.98
C ARG A 354 -9.81 -11.92 -12.67
N LYS A 355 -9.88 -11.02 -13.69
CA LYS A 355 -10.41 -11.32 -15.03
C LYS A 355 -9.35 -11.91 -15.95
N GLN A 356 -8.06 -11.70 -15.65
CA GLN A 356 -6.98 -12.03 -16.58
C GLN A 356 -6.89 -13.54 -16.80
N GLU A 357 -7.02 -14.34 -15.74
CA GLU A 357 -6.88 -15.79 -15.90
C GLU A 357 -8.26 -16.45 -15.77
N THR A 358 -8.76 -17.04 -16.87
CA THR A 358 -10.16 -17.45 -16.93
C THR A 358 -10.36 -18.94 -16.59
N GLU A 359 -9.31 -19.66 -16.23
CA GLU A 359 -9.45 -21.07 -15.89
C GLU A 359 -10.23 -21.25 -14.58
N VAL A 360 -10.30 -20.20 -13.76
CA VAL A 360 -10.97 -20.25 -12.47
C VAL A 360 -12.00 -19.13 -12.42
N LEU A 361 -12.92 -19.21 -11.45
CA LEU A 361 -13.96 -18.17 -11.35
C LEU A 361 -13.63 -17.13 -10.27
N TRP A 362 -12.57 -17.38 -9.46
CA TRP A 362 -12.27 -16.52 -8.32
C TRP A 362 -11.14 -15.54 -8.67
N THR A 363 -10.93 -14.58 -7.75
CA THR A 363 -9.79 -13.68 -7.79
C THR A 363 -9.18 -13.63 -6.39
N SER A 364 -7.85 -13.85 -6.30
CA SER A 364 -7.22 -13.81 -4.98
C SER A 364 -5.75 -13.40 -5.15
N ASN A 365 -4.96 -13.53 -4.09
CA ASN A 365 -3.57 -13.15 -4.21
C ASN A 365 -2.73 -13.87 -3.17
N SER A 366 -1.41 -13.90 -3.47
CA SER A 366 -0.40 -14.14 -2.44
C SER A 366 0.51 -12.94 -2.21
N ILE A 367 1.50 -13.08 -1.29
CA ILE A 367 2.36 -11.95 -1.03
C ILE A 367 3.83 -12.35 -1.08
N VAL A 368 4.67 -11.36 -1.39
CA VAL A 368 6.11 -11.50 -1.23
C VAL A 368 6.62 -10.18 -0.62
N VAL A 369 7.66 -10.24 0.23
CA VAL A 369 8.04 -9.10 1.05
C VAL A 369 9.57 -9.05 1.09
N PHE A 370 10.10 -7.85 0.93
CA PHE A 370 11.56 -7.58 0.92
C PHE A 370 11.83 -6.43 1.88
N CYS A 371 13.04 -6.41 2.49
CA CYS A 371 13.38 -5.28 3.37
C CYS A 371 14.69 -4.64 2.95
N GLY A 372 14.79 -3.33 3.20
CA GLY A 372 16.05 -2.68 2.88
C GLY A 372 17.25 -3.34 3.53
N THR A 373 18.40 -3.24 2.82
CA THR A 373 19.64 -3.72 3.40
C THR A 373 20.72 -2.71 3.09
N SER A 374 21.72 -2.72 3.98
CA SER A 374 22.96 -1.99 3.70
C SER A 374 24.07 -2.93 3.29
N GLY A 375 23.73 -4.23 3.16
CA GLY A 375 24.70 -5.25 2.80
C GLY A 375 24.70 -5.52 1.29
N THR A 376 24.91 -6.78 0.93
CA THR A 376 24.92 -7.17 -0.47
C THR A 376 23.89 -8.28 -0.71
N TYR A 377 23.72 -8.61 -2.00
CA TYR A 377 22.64 -9.50 -2.40
C TYR A 377 22.91 -9.93 -3.84
N GLY A 378 22.14 -10.93 -4.29
CA GLY A 378 22.27 -11.44 -5.66
C GLY A 378 21.03 -11.13 -6.51
N THR A 379 20.51 -12.16 -7.20
CA THR A 379 19.38 -12.03 -8.10
C THR A 379 18.43 -13.21 -7.97
N GLY A 380 17.18 -12.99 -8.37
CA GLY A 380 16.23 -14.09 -8.40
C GLY A 380 14.88 -13.57 -8.89
N SER A 381 13.84 -14.40 -8.68
CA SER A 381 12.46 -14.02 -9.00
C SER A 381 11.57 -14.87 -8.12
N TRP A 382 10.64 -14.22 -7.40
CA TRP A 382 9.80 -14.88 -6.42
C TRP A 382 8.31 -14.62 -6.71
N PRO A 383 7.75 -15.26 -7.76
CA PRO A 383 6.36 -15.05 -8.16
C PRO A 383 5.42 -15.89 -7.31
N ASP A 384 4.13 -15.78 -7.60
CA ASP A 384 3.16 -16.50 -6.79
C ASP A 384 3.43 -18.00 -6.83
N GLY A 385 3.61 -18.56 -8.04
CA GLY A 385 4.03 -19.95 -8.16
C GLY A 385 2.91 -20.97 -8.37
N ALA A 386 1.62 -20.59 -8.24
CA ALA A 386 0.57 -21.57 -8.47
C ALA A 386 0.46 -21.86 -9.96
N ASP A 387 0.07 -23.13 -10.22
CA ASP A 387 -0.28 -23.50 -11.59
C ASP A 387 -1.80 -23.39 -11.73
N ILE A 388 -2.25 -22.43 -12.55
CA ILE A 388 -3.68 -22.10 -12.62
C ILE A 388 -4.48 -23.35 -12.99
N ASN A 389 -3.83 -24.27 -13.71
CA ASN A 389 -4.57 -25.46 -14.16
C ASN A 389 -4.71 -26.51 -13.08
N LEU A 390 -4.06 -26.32 -11.92
CA LEU A 390 -4.20 -27.24 -10.81
C LEU A 390 -5.13 -26.71 -9.71
N MET A 391 -5.74 -25.56 -9.96
CA MET A 391 -6.58 -24.95 -8.93
C MET A 391 -8.04 -25.41 -9.05
N PRO A 392 -8.76 -25.46 -7.92
CA PRO A 392 -10.22 -25.53 -7.99
C PRO A 392 -10.74 -24.32 -8.74
N ILE A 393 -11.81 -24.48 -9.53
CA ILE A 393 -12.38 -23.38 -10.30
C ILE A 393 -13.15 -22.48 -9.32
C1 NAG B . -26.65 8.33 4.84
C2 NAG B . -28.11 8.46 4.36
C3 NAG B . -28.80 9.33 5.39
C4 NAG B . -28.64 8.62 6.74
C5 NAG B . -27.19 8.59 7.16
C6 NAG B . -26.88 7.94 8.50
C7 NAG B . -28.44 8.14 2.02
C8 NAG B . -28.88 8.74 0.70
N2 NAG B . -28.24 9.08 3.03
O3 NAG B . -30.22 9.37 5.03
O4 NAG B . -29.37 9.49 7.79
O5 NAG B . -26.59 7.76 6.15
O6 NAG B . -27.33 6.58 8.50
O7 NAG B . -28.24 6.87 2.09
C1 NAG B . -30.33 8.92 8.66
C2 NAG B . -30.49 9.84 9.85
C3 NAG B . -31.68 9.25 10.62
C4 NAG B . -32.92 9.04 9.78
C5 NAG B . -32.56 8.21 8.54
C6 NAG B . -33.73 7.99 7.59
C7 NAG B . -28.58 10.96 10.95
C8 NAG B . -27.53 10.88 12.05
N2 NAG B . -29.28 9.87 10.67
O3 NAG B . -31.99 10.11 11.73
O4 NAG B . -33.84 8.32 10.63
O5 NAG B . -31.47 8.87 7.86
O6 NAG B . -34.18 9.29 7.17
O7 NAG B . -28.83 12.02 10.27
C1 BMA B . -35.21 8.72 10.48
C2 BMA B . -36.15 7.57 10.82
C3 BMA B . -37.56 8.10 10.63
C4 BMA B . -37.79 9.34 11.47
C5 BMA B . -36.77 10.39 11.12
C6 BMA B . -36.92 11.63 12.03
O2 BMA B . -35.88 7.20 12.19
O3 BMA B . -38.51 7.06 10.95
O4 BMA B . -39.12 9.82 11.12
O5 BMA B . -35.41 9.88 11.32
O6 BMA B . -36.06 12.69 11.64
C1 MAN B . -39.52 6.91 9.99
C2 MAN B . -40.55 5.96 10.58
C3 MAN B . -40.02 4.50 10.55
C4 MAN B . -39.44 4.12 9.17
C5 MAN B . -38.39 5.17 8.77
C6 MAN B . -37.78 4.92 7.39
O2 MAN B . -41.65 6.08 9.63
O3 MAN B . -41.09 3.58 10.82
O4 MAN B . -38.85 2.77 9.20
O5 MAN B . -39.06 6.45 8.71
O6 MAN B . -36.71 5.85 7.17
C1 MAN B . -36.68 13.57 10.69
C2 MAN B . -35.60 14.55 10.29
C3 MAN B . -35.15 15.45 11.45
C4 MAN B . -36.41 16.07 12.04
C5 MAN B . -37.44 15.01 12.45
C6 MAN B . -38.73 15.57 13.09
O2 MAN B . -36.12 15.37 9.26
O3 MAN B . -34.17 16.44 11.04
O4 MAN B . -36.01 16.79 13.17
O5 MAN B . -37.80 14.22 11.32
O6 MAN B . -39.44 16.46 12.20
C1 NAG C . -21.16 -16.82 -10.27
C2 NAG C . -22.43 -17.68 -10.43
C3 NAG C . -23.38 -17.03 -11.40
C4 NAG C . -23.78 -15.64 -10.78
C5 NAG C . -22.50 -14.84 -10.69
C6 NAG C . -22.65 -13.35 -10.18
C7 NAG C . -21.43 -19.35 -11.94
C8 NAG C . -21.19 -20.82 -12.15
N2 NAG C . -22.11 -19.06 -10.84
O3 NAG C . -24.59 -17.82 -11.40
O4 NAG C . -24.60 -15.01 -11.78
O5 NAG C . -21.66 -15.57 -9.77
O6 NAG C . -23.50 -13.37 -9.02
O7 NAG C . -21.10 -18.53 -12.83
C1 NAG C . -25.81 -14.47 -11.28
C2 NAG C . -26.36 -13.57 -12.43
C3 NAG C . -27.75 -13.14 -11.95
C4 NAG C . -28.63 -14.31 -11.63
C5 NAG C . -27.97 -15.10 -10.50
C6 NAG C . -28.70 -16.30 -9.92
C7 NAG C . -24.68 -12.39 -13.82
C8 NAG C . -23.77 -11.20 -14.01
N2 NAG C . -25.50 -12.42 -12.77
O3 NAG C . -28.36 -12.45 -13.05
O4 NAG C . -29.90 -13.77 -11.18
O5 NAG C . -26.69 -15.55 -11.09
O6 NAG C . -29.14 -16.99 -11.11
O7 NAG C . -24.62 -13.31 -14.65
C1 SIA D . -7.83 -1.73 -8.28
C2 SIA D . -8.91 -1.32 -7.30
C3 SIA D . -9.03 -2.20 -6.06
C4 SIA D . -9.52 -1.46 -4.80
C5 SIA D . -10.34 -0.21 -5.17
C6 SIA D . -9.46 0.74 -5.99
C7 SIA D . -10.23 1.85 -6.69
C8 SIA D . -9.35 2.86 -7.42
C9 SIA D . -10.15 3.99 -8.05
C10 SIA D . -11.99 0.58 -3.42
C11 SIA D . -13.04 0.17 -4.33
N5 SIA D . -10.75 0.47 -3.92
O1A SIA D . -7.40 -2.88 -8.26
O1B SIA D . -7.41 -0.86 -9.08
O2 SIA D . -10.06 -1.31 -8.11
O4 SIA D . -10.34 -2.37 -4.04
O6 SIA D . -8.67 0.06 -7.01
O7 SIA D . -11.21 1.28 -7.59
O8 SIA D . -8.35 3.36 -6.53
O9 SIA D . -10.81 4.78 -7.06
O10 SIA D . -12.23 1.04 -2.24
C1 MAN E . -42.81 7.50 11.13
C2 MAN E . -43.66 8.63 10.60
C3 MAN E . -44.33 8.38 9.20
C4 MAN E . -44.27 6.90 8.80
C5 MAN E . -44.62 6.28 10.17
C6 MAN E . -45.55 5.08 10.53
O2 MAN E . -42.93 9.82 10.91
O3 MAN E . -43.96 9.24 8.14
O4 MAN E . -45.20 6.65 7.76
O5 MAN E . -43.24 6.21 10.64
O6 MAN E . -45.37 4.59 11.92
S SO4 F . -16.35 -3.84 -9.28
O1 SO4 F . -17.77 -4.11 -9.01
O2 SO4 F . -15.82 -4.95 -10.10
O3 SO4 F . -15.59 -3.73 -8.04
O4 SO4 F . -16.21 -2.59 -10.02
S SO4 G . 12.74 16.98 0.60
O1 SO4 G . 13.12 15.55 0.67
O2 SO4 G . 11.95 17.19 -0.60
O3 SO4 G . 13.95 17.78 0.54
O4 SO4 G . 11.98 17.42 1.81
CA CA H . -2.47 6.98 -13.02
#